data_9GXF
#
_entry.id   9GXF
#
_cell.length_a   58.739
_cell.length_b   91.902
_cell.length_c   92.070
_cell.angle_alpha   90.000
_cell.angle_beta   90.000
_cell.angle_gamma   90.000
#
_symmetry.space_group_name_H-M   'P 21 21 21'
#
loop_
_entity.id
_entity.type
_entity.pdbx_description
1 polymer 'LysM type receptor kinase'
2 branched beta-D-mannopyranose-(1-4)-2-acetamido-2-deoxy-beta-D-glucopyranose-(1-4)-2-acetamido-2-deoxy-beta-D-glucopyranose
3 branched 2-acetamido-2-deoxy-beta-D-glucopyranose-(1-4)-2-acetamido-2-deoxy-beta-D-glucopyranose
4 branched alpha-D-mannopyranose-(1-3)-[alpha-D-mannopyranose-(1-6)]beta-D-mannopyranose-(1-4)-2-acetamido-2-deoxy-beta-D-glucopyranose-(1-4)-2-acetamido-2-deoxy-beta-D-glucopyranose
5 non-polymer 2-acetamido-2-deoxy-beta-D-glucopyranose
6 non-polymer 'ACETATE ION'
7 non-polymer GLYCEROL
8 water water
#
_entity_poly.entity_id   1
_entity_poly.type   'polypeptide(L)'
_entity_poly.pdbx_seq_one_letter_code
;(PCA)QEYLNNNQLDCDNTHNSTYGNVCNSVTSCQSYLTFKSSSPEYNTPSSISYLLNSTPSLVAKSNNITDVTPIITDT
MVTVPVTCSCSGGRYQHNATYNLKKTGETYFSIANNTYQSLTTCQALMAQNPYDAKNLFAGDDLHVPLRCACPTKKQSDA
GFKYLLTYLVSQGESPDSIAEIFGVDTQSVLDANELDSKSVVFYFTPLLVPLKTEPPARLQIAASHHHHHH
;
_entity_poly.pdbx_strand_id   A,B
#
# COMPACT_ATOMS: atom_id res chain seq x y z
N GLN A 2 0.41 23.04 -21.79
CA GLN A 2 -0.03 23.58 -20.50
C GLN A 2 0.94 24.70 -20.09
N GLU A 3 0.47 25.69 -19.33
CA GLU A 3 1.37 26.73 -18.82
C GLU A 3 2.41 26.13 -17.91
N TYR A 4 3.63 26.65 -17.98
CA TYR A 4 4.72 26.23 -17.11
C TYR A 4 4.56 26.86 -15.74
N LEU A 5 4.74 26.05 -14.68
CA LEU A 5 4.52 26.52 -13.32
C LEU A 5 5.45 27.68 -12.93
N ASN A 6 6.68 27.68 -13.46
CA ASN A 6 7.54 28.87 -13.46
C ASN A 6 7.88 29.35 -12.04
N ASN A 7 7.99 28.44 -11.08
CA ASN A 7 8.32 28.71 -9.68
C ASN A 7 7.27 29.54 -8.95
N ASN A 8 6.09 29.70 -9.53
CA ASN A 8 5.00 30.41 -8.87
C ASN A 8 4.50 29.67 -7.64
N GLN A 9 4.80 28.38 -7.52
CA GLN A 9 4.39 27.61 -6.36
C GLN A 9 5.25 27.87 -5.13
N LEU A 10 6.35 28.62 -5.25
CA LEU A 10 7.23 28.80 -4.10
C LEU A 10 6.71 29.85 -3.11
N ASP A 11 5.68 30.60 -3.49
CA ASP A 11 5.06 31.61 -2.62
C ASP A 11 3.58 31.24 -2.52
N CYS A 12 3.13 30.86 -1.32
CA CYS A 12 1.74 30.46 -1.14
C CYS A 12 0.75 31.59 -1.40
N ASP A 13 1.21 32.84 -1.39
CA ASP A 13 0.35 33.98 -1.70
C ASP A 13 0.28 34.29 -3.18
N ASN A 14 1.15 33.68 -3.98
CA ASN A 14 1.11 33.84 -5.43
C ASN A 14 -0.19 33.24 -5.96
N THR A 15 -0.82 33.95 -6.91
CA THR A 15 -2.13 33.54 -7.44
C THR A 15 -2.10 33.27 -8.93
N HIS A 16 -0.94 32.97 -9.51
CA HIS A 16 -0.88 32.65 -10.92
C HIS A 16 -1.76 31.45 -11.23
N ASN A 17 -2.47 31.53 -12.37
CA ASN A 17 -3.43 30.50 -12.74
C ASN A 17 -2.83 29.10 -12.75
N SER A 18 -1.56 28.99 -13.14
CA SER A 18 -0.93 27.67 -13.26
C SER A 18 -0.87 26.93 -11.93
N THR A 19 -0.83 27.67 -10.81
CA THR A 19 -0.66 27.05 -9.51
C THR A 19 -1.90 26.26 -9.08
N TYR A 20 -3.06 26.51 -9.67
CA TYR A 20 -4.26 25.76 -9.28
C TYR A 20 -4.41 24.47 -10.07
N GLY A 21 -3.55 24.23 -11.05
CA GLY A 21 -3.50 22.96 -11.74
C GLY A 21 -3.42 23.10 -13.25
N ASN A 22 -2.96 22.05 -13.92
CA ASN A 22 -3.15 21.96 -15.36
C ASN A 22 -4.62 22.14 -15.71
N VAL A 23 -4.88 22.71 -16.88
CA VAL A 23 -6.23 23.01 -17.32
C VAL A 23 -6.80 21.82 -18.09
N CYS A 24 -8.07 21.51 -17.83
CA CYS A 24 -8.76 20.46 -18.56
C CYS A 24 -9.04 20.91 -19.98
N ASN A 25 -8.15 20.55 -20.92
CA ASN A 25 -8.24 21.00 -22.30
C ASN A 25 -8.23 19.84 -23.29
N SER A 26 -8.52 18.64 -22.83
CA SER A 26 -8.57 17.49 -23.74
C SER A 26 -9.55 16.45 -23.20
N VAL A 27 -9.25 15.18 -23.44
CA VAL A 27 -10.12 14.09 -23.00
C VAL A 27 -10.32 14.15 -21.49
N THR A 28 -11.48 13.67 -21.04
CA THR A 28 -11.84 13.83 -19.63
C THR A 28 -10.96 12.97 -18.72
N SER A 29 -10.46 11.85 -19.21
CA SER A 29 -9.63 10.95 -18.40
C SER A 29 -8.65 10.22 -19.29
N CYS A 30 -7.46 9.94 -18.75
CA CYS A 30 -6.42 9.23 -19.50
C CYS A 30 -5.41 8.61 -18.55
N GLN A 31 -4.61 7.69 -19.09
CA GLN A 31 -3.42 7.21 -18.40
C GLN A 31 -2.32 8.26 -18.44
N SER A 32 -1.61 8.41 -17.33
CA SER A 32 -0.53 9.38 -17.21
CA SER A 32 -0.52 9.37 -17.24
C SER A 32 0.56 8.83 -16.30
N TYR A 33 1.61 9.62 -16.10
CA TYR A 33 2.71 9.25 -15.21
C TYR A 33 3.14 10.43 -14.35
N LEU A 34 3.47 10.14 -13.10
CA LEU A 34 4.24 11.04 -12.26
C LEU A 34 5.65 10.51 -12.13
N THR A 35 6.53 11.34 -11.56
CA THR A 35 7.86 10.90 -11.14
C THR A 35 8.03 11.28 -9.68
N PHE A 36 8.92 10.58 -8.99
CA PHE A 36 9.06 10.74 -7.55
C PHE A 36 10.42 10.20 -7.14
N LYS A 37 11.13 10.93 -6.28
CA LYS A 37 12.44 10.50 -5.82
C LYS A 37 12.29 9.70 -4.52
N SER A 38 12.74 8.45 -4.54
CA SER A 38 12.66 7.60 -3.37
CA SER A 38 12.69 7.58 -3.37
C SER A 38 13.29 8.27 -2.16
N SER A 39 12.61 8.15 -1.01
CA SER A 39 13.00 8.80 0.23
CA SER A 39 13.00 8.80 0.23
C SER A 39 12.96 7.77 1.35
N SER A 40 14.10 7.59 2.05
CA SER A 40 14.15 6.64 3.15
C SER A 40 13.92 7.37 4.47
N PRO A 41 13.26 6.73 5.45
CA PRO A 41 12.69 5.37 5.43
C PRO A 41 11.22 5.33 5.06
N GLU A 42 10.56 6.46 4.81
CA GLU A 42 9.11 6.46 4.72
CA GLU A 42 9.11 6.46 4.72
C GLU A 42 8.56 6.16 3.32
N TYR A 43 9.30 6.53 2.27
CA TYR A 43 8.75 6.43 0.90
C TYR A 43 9.77 5.82 -0.05
N ASN A 44 10.18 4.58 0.24
CA ASN A 44 11.24 3.94 -0.53
C ASN A 44 10.90 2.52 -0.98
N THR A 45 9.62 2.16 -1.04
CA THR A 45 9.15 0.90 -1.60
C THR A 45 7.97 1.16 -2.52
N PRO A 46 7.65 0.21 -3.41
CA PRO A 46 6.43 0.39 -4.21
C PRO A 46 5.18 0.56 -3.37
N SER A 47 5.10 -0.11 -2.21
CA SER A 47 3.93 0.04 -1.35
C SER A 47 3.81 1.47 -0.82
N SER A 48 4.90 2.01 -0.26
CA SER A 48 4.76 3.30 0.41
C SER A 48 4.70 4.43 -0.60
N ILE A 49 5.40 4.31 -1.73
CA ILE A 49 5.28 5.33 -2.76
C ILE A 49 3.89 5.32 -3.37
N SER A 50 3.35 4.13 -3.64
CA SER A 50 1.99 4.08 -4.18
CA SER A 50 2.00 4.06 -4.17
C SER A 50 0.97 4.58 -3.16
N TYR A 51 1.22 4.36 -1.87
CA TYR A 51 0.30 4.87 -0.86
C TYR A 51 0.32 6.39 -0.81
N LEU A 52 1.50 6.98 -0.99
CA LEU A 52 1.58 8.45 -0.96
C LEU A 52 0.90 9.06 -2.19
N LEU A 53 1.08 8.45 -3.35
CA LEU A 53 0.66 9.05 -4.60
C LEU A 53 -0.61 8.44 -5.17
N ASN A 54 -1.22 7.49 -4.46
CA ASN A 54 -2.43 6.80 -4.89
C ASN A 54 -2.27 6.15 -6.28
N SER A 55 -1.27 5.28 -6.38
CA SER A 55 -1.07 4.40 -7.52
C SER A 55 -1.42 2.98 -7.06
N THR A 56 -0.81 1.97 -7.68
CA THR A 56 -0.80 0.64 -7.07
C THR A 56 0.64 0.16 -7.04
N PRO A 57 0.99 -0.70 -6.07
CA PRO A 57 2.37 -1.21 -6.05
C PRO A 57 2.71 -1.99 -7.30
N SER A 58 1.75 -2.73 -7.88
CA SER A 58 2.01 -3.48 -9.10
CA SER A 58 2.01 -3.47 -9.10
C SER A 58 2.31 -2.53 -10.26
N LEU A 59 1.61 -1.40 -10.35
CA LEU A 59 1.87 -0.45 -11.42
C LEU A 59 3.25 0.19 -11.26
N VAL A 60 3.62 0.54 -10.03
CA VAL A 60 4.96 1.11 -9.79
C VAL A 60 6.03 0.07 -10.11
N ALA A 61 5.82 -1.18 -9.67
CA ALA A 61 6.78 -2.23 -9.95
C ALA A 61 6.99 -2.41 -11.44
N LYS A 62 5.89 -2.53 -12.20
CA LYS A 62 6.02 -2.80 -13.62
C LYS A 62 6.64 -1.62 -14.36
N SER A 63 6.29 -0.40 -13.95
CA SER A 63 6.80 0.80 -14.61
C SER A 63 8.31 0.91 -14.46
N ASN A 64 8.86 0.38 -13.38
CA ASN A 64 10.28 0.49 -13.09
C ASN A 64 11.03 -0.83 -13.18
N ASN A 65 10.38 -1.88 -13.69
CA ASN A 65 11.04 -3.17 -13.90
C ASN A 65 11.62 -3.72 -12.60
N ILE A 66 10.86 -3.60 -11.51
CA ILE A 66 11.23 -4.16 -10.23
C ILE A 66 10.05 -5.01 -9.72
N THR A 67 10.21 -5.65 -8.57
CA THR A 67 9.08 -6.34 -7.97
C THR A 67 8.30 -5.37 -7.07
N ASP A 68 7.09 -5.79 -6.66
CA ASP A 68 6.26 -4.87 -5.90
C ASP A 68 6.68 -4.75 -4.43
N VAL A 69 7.75 -5.43 -4.00
CA VAL A 69 8.28 -5.29 -2.66
C VAL A 69 9.75 -4.89 -2.64
N THR A 70 10.34 -4.63 -3.80
CA THR A 70 11.76 -4.28 -3.90
C THR A 70 12.04 -2.94 -3.23
N PRO A 71 12.92 -2.86 -2.24
CA PRO A 71 13.35 -1.56 -1.73
C PRO A 71 14.05 -0.76 -2.84
N ILE A 72 13.77 0.54 -2.87
CA ILE A 72 14.31 1.42 -3.89
C ILE A 72 15.35 2.32 -3.25
N ILE A 73 16.56 2.32 -3.83
CA ILE A 73 17.66 3.11 -3.29
C ILE A 73 17.27 4.58 -3.20
N THR A 74 17.61 5.21 -2.08
CA THR A 74 17.28 6.61 -1.86
C THR A 74 17.79 7.47 -3.00
N ASP A 75 16.96 8.44 -3.41
CA ASP A 75 17.20 9.46 -4.43
C ASP A 75 17.01 8.89 -5.85
N THR A 76 16.64 7.63 -6.00
CA THR A 76 16.27 7.12 -7.31
C THR A 76 14.95 7.73 -7.75
N MET A 77 14.93 8.31 -8.93
CA MET A 77 13.70 8.84 -9.50
C MET A 77 12.95 7.71 -10.20
N VAL A 78 11.75 7.40 -9.72
CA VAL A 78 10.94 6.32 -10.26
C VAL A 78 9.71 6.90 -10.96
N THR A 79 9.19 6.14 -11.91
CA THR A 79 7.97 6.52 -12.59
CA THR A 79 7.97 6.53 -12.59
C THR A 79 6.77 5.92 -11.88
N VAL A 80 5.67 6.67 -11.89
CA VAL A 80 4.47 6.25 -11.16
C VAL A 80 3.26 6.37 -12.06
N PRO A 81 2.71 5.26 -12.56
CA PRO A 81 1.50 5.34 -13.40
C PRO A 81 0.29 5.78 -12.58
N VAL A 82 -0.47 6.76 -13.11
CA VAL A 82 -1.66 7.27 -12.44
C VAL A 82 -2.72 7.61 -13.49
N THR A 83 -3.98 7.56 -13.08
CA THR A 83 -5.05 8.06 -13.93
C THR A 83 -5.17 9.57 -13.74
N CYS A 84 -5.19 10.29 -14.85
CA CYS A 84 -5.38 11.74 -14.85
C CYS A 84 -6.80 12.04 -15.31
N SER A 85 -7.51 12.90 -14.58
CA SER A 85 -8.89 13.19 -14.95
CA SER A 85 -8.91 13.17 -14.89
C SER A 85 -9.22 14.63 -14.63
N CYS A 86 -10.27 15.12 -15.30
CA CYS A 86 -10.75 16.48 -15.12
C CYS A 86 -11.64 16.60 -13.90
N SER A 87 -11.38 17.62 -13.10
CA SER A 87 -12.22 17.98 -11.98
CA SER A 87 -12.22 17.98 -11.96
C SER A 87 -12.16 19.49 -11.82
N GLY A 88 -13.32 20.13 -11.80
CA GLY A 88 -13.38 21.57 -11.63
C GLY A 88 -12.61 22.36 -12.66
N GLY A 89 -12.56 21.89 -13.90
CA GLY A 89 -11.83 22.59 -14.92
C GLY A 89 -10.34 22.34 -14.92
N ARG A 90 -9.84 21.47 -14.05
CA ARG A 90 -8.42 21.17 -13.96
C ARG A 90 -8.18 19.69 -14.21
N TYR A 91 -7.01 19.37 -14.75
CA TYR A 91 -6.50 18.01 -14.72
C TYR A 91 -5.80 17.77 -13.40
N GLN A 92 -6.06 16.62 -12.79
CA GLN A 92 -5.33 16.26 -11.57
C GLN A 92 -5.49 14.78 -11.32
N HIS A 93 -4.63 14.26 -10.45
CA HIS A 93 -4.75 12.90 -9.94
C HIS A 93 -4.88 12.99 -8.43
N ASN A 94 -6.03 12.57 -7.90
CA ASN A 94 -6.30 12.71 -6.48
C ASN A 94 -5.51 11.70 -5.65
N ALA A 95 -4.98 12.17 -4.53
CA ALA A 95 -4.45 11.30 -3.50
C ALA A 95 -4.92 11.86 -2.17
N THR A 96 -4.82 11.06 -1.11
CA THR A 96 -5.16 11.50 0.23
CA THR A 96 -5.16 11.50 0.23
C THR A 96 -3.93 11.42 1.11
N TYR A 97 -3.72 12.45 1.94
CA TYR A 97 -2.54 12.51 2.81
C TYR A 97 -2.96 12.80 4.23
N ASN A 98 -2.58 11.92 5.15
CA ASN A 98 -2.85 12.10 6.57
C ASN A 98 -1.61 12.74 7.20
N LEU A 99 -1.78 13.91 7.81
CA LEU A 99 -0.61 14.57 8.41
C LEU A 99 -0.02 13.72 9.51
N LYS A 100 1.31 13.60 9.53
CA LYS A 100 1.99 12.81 10.57
C LYS A 100 2.39 13.63 11.78
N LYS A 101 2.69 14.92 11.59
CA LYS A 101 3.22 15.75 12.66
C LYS A 101 2.52 17.11 12.68
N THR A 102 2.13 17.55 13.87
CA THR A 102 1.59 18.88 14.05
C THR A 102 2.73 19.88 13.96
N GLY A 103 2.79 20.56 12.81
CA GLY A 103 3.92 21.40 12.44
C GLY A 103 4.10 21.35 10.93
N GLU A 104 3.56 20.31 10.31
CA GLU A 104 3.51 20.27 8.86
C GLU A 104 2.60 21.39 8.36
N THR A 105 2.96 21.96 7.22
CA THR A 105 2.23 23.09 6.65
C THR A 105 1.79 22.73 5.24
N TYR A 106 0.85 23.51 4.70
CA TYR A 106 0.49 23.34 3.31
C TYR A 106 1.73 23.38 2.42
N PHE A 107 2.64 24.31 2.69
CA PHE A 107 3.84 24.39 1.87
C PHE A 107 4.76 23.20 2.08
N SER A 108 4.97 22.77 3.32
CA SER A 108 5.88 21.65 3.53
C SER A 108 5.33 20.39 2.88
N ILE A 109 4.00 20.23 2.87
CA ILE A 109 3.41 19.05 2.25
C ILE A 109 3.56 19.10 0.73
N ALA A 110 3.34 20.28 0.13
CA ALA A 110 3.46 20.40 -1.32
C ALA A 110 4.92 20.29 -1.77
N ASN A 111 5.82 21.03 -1.10
CA ASN A 111 7.19 21.22 -1.56
C ASN A 111 8.11 20.09 -1.15
N ASN A 112 7.95 19.60 0.08
CA ASN A 112 8.84 18.56 0.60
CA ASN A 112 8.84 18.56 0.60
C ASN A 112 8.23 17.18 0.45
N THR A 113 7.12 16.92 1.13
CA THR A 113 6.51 15.59 1.11
C THR A 113 6.21 15.15 -0.32
N TYR A 114 5.55 16.00 -1.09
CA TYR A 114 5.14 15.64 -2.43
C TYR A 114 6.09 16.15 -3.50
N GLN A 115 7.22 16.75 -3.11
CA GLN A 115 8.31 17.07 -4.03
C GLN A 115 7.84 17.93 -5.21
N SER A 116 6.91 18.86 -4.92
CA SER A 116 6.32 19.79 -5.89
C SER A 116 5.46 19.09 -6.94
N LEU A 117 5.00 17.86 -6.68
CA LEU A 117 3.97 17.27 -7.51
C LEU A 117 2.61 17.92 -7.27
N THR A 118 2.48 18.75 -6.23
CA THR A 118 1.30 19.58 -6.09
C THR A 118 1.77 20.94 -5.59
N THR A 119 0.84 21.87 -5.42
CA THR A 119 1.19 23.22 -5.01
C THR A 119 0.44 23.59 -3.74
N CYS A 120 1.05 24.49 -2.98
CA CYS A 120 0.39 25.07 -1.83
C CYS A 120 -0.97 25.65 -2.22
N GLN A 121 -1.04 26.30 -3.38
CA GLN A 121 -2.27 26.96 -3.77
C GLN A 121 -3.39 25.96 -4.04
N ALA A 122 -3.05 24.85 -4.70
CA ALA A 122 -4.07 23.85 -5.00
C ALA A 122 -4.51 23.11 -3.74
N LEU A 123 -3.57 22.83 -2.84
CA LEU A 123 -3.92 22.22 -1.55
C LEU A 123 -4.88 23.11 -0.77
N MET A 124 -4.56 24.40 -0.67
CA MET A 124 -5.44 25.29 0.08
C MET A 124 -6.80 25.44 -0.60
N ALA A 125 -6.83 25.44 -1.93
CA ALA A 125 -8.08 25.60 -2.66
C ALA A 125 -9.00 24.40 -2.49
N GLN A 126 -8.45 23.21 -2.26
CA GLN A 126 -9.25 21.99 -2.28
C GLN A 126 -9.35 21.34 -0.91
N ASN A 127 -9.03 22.07 0.15
CA ASN A 127 -9.15 21.57 1.51
C ASN A 127 -9.72 22.67 2.39
N PRO A 128 -10.47 22.31 3.45
CA PRO A 128 -11.13 23.34 4.27
C PRO A 128 -10.24 23.97 5.32
N TYR A 129 -9.16 23.30 5.71
CA TYR A 129 -8.41 23.76 6.87
C TYR A 129 -7.70 25.09 6.58
N ASP A 130 -7.81 26.00 7.54
CA ASP A 130 -6.98 27.19 7.58
C ASP A 130 -5.51 26.79 7.60
N ALA A 131 -4.66 27.63 6.99
CA ALA A 131 -3.23 27.38 7.07
C ALA A 131 -2.73 27.38 8.51
N LYS A 132 -3.46 28.01 9.44
CA LYS A 132 -3.12 28.00 10.85
C LYS A 132 -3.96 27.01 11.66
N ASN A 133 -4.48 25.95 11.01
CA ASN A 133 -5.32 24.99 11.72
C ASN A 133 -5.10 23.58 11.16
N LEU A 134 -3.86 23.20 10.93
CA LEU A 134 -3.52 21.85 10.50
C LEU A 134 -2.90 21.09 11.67
N PHE A 135 -3.40 19.89 11.93
CA PHE A 135 -2.92 19.03 13.00
C PHE A 135 -2.64 17.63 12.46
N ALA A 136 -1.70 16.95 13.11
CA ALA A 136 -1.49 15.53 12.83
C ALA A 136 -2.81 14.80 12.90
N GLY A 137 -3.05 13.94 11.91
CA GLY A 137 -4.31 13.21 11.82
C GLY A 137 -5.33 13.81 10.88
N ASP A 138 -5.16 15.07 10.47
CA ASP A 138 -6.03 15.64 9.45
C ASP A 138 -5.73 15.01 8.09
N ASP A 139 -6.79 14.66 7.36
CA ASP A 139 -6.64 14.14 6.00
C ASP A 139 -6.76 15.27 5.00
N LEU A 140 -5.81 15.34 4.08
CA LEU A 140 -5.82 16.31 2.99
C LEU A 140 -6.12 15.63 1.66
N HIS A 141 -6.93 16.30 0.85
CA HIS A 141 -7.11 16.00 -0.56
C HIS A 141 -5.93 16.58 -1.32
N VAL A 142 -5.19 15.74 -2.02
CA VAL A 142 -3.95 16.17 -2.67
C VAL A 142 -4.17 16.13 -4.19
N PRO A 143 -4.22 17.28 -4.85
CA PRO A 143 -4.40 17.29 -6.31
C PRO A 143 -3.06 17.23 -7.04
N LEU A 144 -2.62 16.02 -7.39
CA LEU A 144 -1.32 15.85 -8.02
C LEU A 144 -1.38 16.29 -9.47
N ARG A 145 -0.27 16.88 -9.94
CA ARG A 145 -0.24 17.52 -11.25
C ARG A 145 0.02 16.49 -12.35
N CYS A 146 -0.91 16.42 -13.29
CA CYS A 146 -0.84 15.56 -14.45
C CYS A 146 -1.65 16.25 -15.54
N ALA A 147 -1.51 15.76 -16.77
CA ALA A 147 -2.34 16.24 -17.86
C ALA A 147 -2.46 15.13 -18.88
N CYS A 148 -3.48 15.24 -19.73
CA CYS A 148 -3.72 14.33 -20.84
C CYS A 148 -3.33 14.99 -22.15
N PRO A 149 -2.74 14.24 -23.08
CA PRO A 149 -2.36 14.83 -24.37
C PRO A 149 -3.54 15.52 -25.02
N THR A 150 -3.29 16.72 -25.55
CA THR A 150 -4.29 17.37 -26.37
C THR A 150 -4.46 16.62 -27.69
N LYS A 151 -5.50 16.99 -28.44
CA LYS A 151 -5.71 16.37 -29.74
C LYS A 151 -4.49 16.54 -30.62
N LYS A 152 -3.88 17.73 -30.60
CA LYS A 152 -2.71 17.99 -31.41
C LYS A 152 -1.52 17.13 -30.98
N GLN A 153 -1.34 16.95 -29.67
CA GLN A 153 -0.29 16.07 -29.19
C GLN A 153 -0.57 14.61 -29.55
N SER A 154 -1.83 14.18 -29.43
CA SER A 154 -2.17 12.81 -29.82
C SER A 154 -1.90 12.59 -31.30
N ASP A 155 -2.28 13.56 -32.13
CA ASP A 155 -2.06 13.44 -33.57
C ASP A 155 -0.59 13.45 -33.92
N ALA A 156 0.27 14.00 -33.07
CA ALA A 156 1.71 13.98 -33.28
C ALA A 156 2.36 12.71 -32.80
N GLY A 157 1.58 11.79 -32.22
CA GLY A 157 2.09 10.50 -31.80
C GLY A 157 2.34 10.35 -30.32
N PHE A 158 1.91 11.28 -29.48
CA PHE A 158 2.18 11.20 -28.05
C PHE A 158 1.03 10.49 -27.34
N LYS A 159 1.35 9.37 -26.70
CA LYS A 159 0.38 8.52 -26.03
C LYS A 159 0.11 8.96 -24.59
N TYR A 160 1.08 9.63 -23.97
CA TYR A 160 0.98 10.06 -22.58
C TYR A 160 1.67 11.40 -22.39
N LEU A 161 1.32 12.08 -21.32
CA LEU A 161 2.15 13.13 -20.75
C LEU A 161 2.67 12.66 -19.41
N LEU A 162 3.93 12.96 -19.12
CA LEU A 162 4.57 12.56 -17.88
C LEU A 162 4.97 13.81 -17.11
N THR A 163 4.66 13.83 -15.82
CA THR A 163 5.06 14.93 -14.96
C THR A 163 6.46 14.65 -14.43
N TYR A 164 7.44 15.44 -14.90
CA TYR A 164 8.85 15.17 -14.67
C TYR A 164 9.41 16.15 -13.65
N LEU A 165 9.97 15.61 -12.55
CA LEU A 165 10.59 16.47 -11.54
C LEU A 165 12.03 16.77 -11.96
N VAL A 166 12.26 18.01 -12.40
CA VAL A 166 13.56 18.39 -12.96
C VAL A 166 14.61 18.42 -11.87
N SER A 167 15.77 17.81 -12.13
CA SER A 167 16.89 17.75 -11.21
C SER A 167 18.01 18.69 -11.65
N GLN A 168 18.97 18.89 -10.75
CA GLN A 168 20.11 19.74 -11.02
C GLN A 168 20.82 19.29 -12.28
N GLY A 169 21.21 20.26 -13.11
CA GLY A 169 21.94 20.01 -14.33
C GLY A 169 21.07 19.74 -15.54
N GLU A 170 19.81 19.40 -15.35
CA GLU A 170 18.96 18.99 -16.46
C GLU A 170 18.41 20.18 -17.21
N SER A 171 18.06 19.93 -18.46
CA SER A 171 17.55 20.92 -19.39
C SER A 171 16.47 20.26 -20.23
N PRO A 172 15.63 21.03 -20.93
CA PRO A 172 14.75 20.41 -21.92
C PRO A 172 15.48 19.47 -22.88
N ASP A 173 16.68 19.87 -23.34
CA ASP A 173 17.46 19.04 -24.24
C ASP A 173 17.77 17.67 -23.63
N SER A 174 18.33 17.66 -22.41
CA SER A 174 18.74 16.42 -21.81
C SER A 174 17.55 15.57 -21.38
N ILE A 175 16.46 16.21 -20.95
CA ILE A 175 15.26 15.46 -20.56
C ILE A 175 14.62 14.81 -21.79
N ALA A 176 14.49 15.56 -22.88
CA ALA A 176 13.92 14.98 -24.11
C ALA A 176 14.72 13.77 -24.55
N GLU A 177 16.04 13.80 -24.37
CA GLU A 177 16.89 12.70 -24.79
C GLU A 177 16.60 11.42 -23.98
N ILE A 178 16.27 11.58 -22.69
CA ILE A 178 15.91 10.41 -21.87
C ILE A 178 14.74 9.65 -22.51
N PHE A 179 13.74 10.39 -22.98
CA PHE A 179 12.49 9.78 -23.44
C PHE A 179 12.46 9.63 -24.95
N GLY A 180 13.54 9.95 -25.65
CA GLY A 180 13.58 9.76 -27.08
C GLY A 180 12.60 10.62 -27.85
N VAL A 181 12.37 11.85 -27.38
CA VAL A 181 11.48 12.79 -28.06
C VAL A 181 12.29 14.03 -28.40
N ASP A 182 11.71 14.87 -29.26
CA ASP A 182 12.37 16.10 -29.69
C ASP A 182 12.30 17.16 -28.61
N THR A 183 13.39 17.91 -28.44
CA THR A 183 13.41 19.00 -27.48
C THR A 183 12.24 19.95 -27.70
N GLN A 184 11.91 20.24 -28.97
CA GLN A 184 10.83 21.17 -29.27
C GLN A 184 9.49 20.67 -28.76
N SER A 185 9.29 19.36 -28.69
N SER A 185 9.28 19.36 -28.71
CA SER A 185 8.04 18.82 -28.17
CA SER A 185 8.04 18.81 -28.17
C SER A 185 7.92 19.07 -26.67
C SER A 185 7.93 19.11 -26.67
N VAL A 186 9.05 19.02 -25.96
CA VAL A 186 9.04 19.35 -24.53
C VAL A 186 8.76 20.83 -24.34
N LEU A 187 9.41 21.69 -25.11
CA LEU A 187 9.14 23.12 -25.01
C LEU A 187 7.68 23.42 -25.29
N ASP A 188 7.14 22.84 -26.37
CA ASP A 188 5.74 23.10 -26.73
C ASP A 188 4.78 22.60 -25.65
N ALA A 189 5.12 21.46 -25.02
CA ALA A 189 4.24 20.89 -24.00
C ALA A 189 4.11 21.82 -22.79
N ASN A 190 5.07 22.71 -22.58
CA ASN A 190 5.05 23.61 -21.43
C ASN A 190 4.95 25.07 -21.83
N GLU A 191 4.67 25.36 -23.10
CA GLU A 191 4.57 26.73 -23.60
C GLU A 191 5.83 27.54 -23.27
N LEU A 192 6.99 26.95 -23.55
CA LEU A 192 8.29 27.57 -23.36
C LEU A 192 9.01 27.72 -24.71
N ASP A 193 10.12 28.46 -24.69
CA ASP A 193 11.04 28.51 -25.83
C ASP A 193 12.45 28.22 -25.34
N SER A 194 13.41 28.24 -26.27
CA SER A 194 14.77 27.82 -25.95
C SER A 194 15.46 28.76 -24.98
N LYS A 195 14.98 30.00 -24.84
CA LYS A 195 15.57 30.93 -23.89
C LYS A 195 14.94 30.84 -22.50
N SER A 196 13.80 30.15 -22.37
CA SER A 196 13.13 30.05 -21.07
C SER A 196 14.04 29.37 -20.06
N VAL A 197 14.10 29.92 -18.85
CA VAL A 197 14.76 29.22 -17.75
C VAL A 197 13.85 28.13 -17.24
N VAL A 198 14.36 26.90 -17.17
CA VAL A 198 13.64 25.78 -16.59
C VAL A 198 14.18 25.58 -15.19
N PHE A 199 13.34 25.78 -14.19
CA PHE A 199 13.78 25.75 -12.81
C PHE A 199 13.98 24.32 -12.34
N TYR A 200 15.05 24.10 -11.58
CA TYR A 200 15.17 22.81 -10.92
C TYR A 200 14.05 22.64 -9.90
N PHE A 201 13.70 21.38 -9.64
CA PHE A 201 12.76 20.93 -8.61
C PHE A 201 11.31 21.26 -8.97
N THR A 202 11.05 21.91 -10.09
CA THR A 202 9.72 22.26 -10.53
C THR A 202 9.24 21.25 -11.56
N PRO A 203 8.00 20.79 -11.52
CA PRO A 203 7.56 19.79 -12.51
C PRO A 203 7.43 20.37 -13.91
N LEU A 204 7.82 19.55 -14.88
CA LEU A 204 7.83 19.85 -16.30
C LEU A 204 7.11 18.72 -17.02
N LEU A 205 6.20 19.07 -17.92
CA LEU A 205 5.52 18.03 -18.69
C LEU A 205 6.43 17.52 -19.80
N VAL A 206 6.46 16.21 -19.98
CA VAL A 206 7.18 15.56 -21.06
C VAL A 206 6.19 14.70 -21.84
N PRO A 207 6.00 14.96 -23.13
CA PRO A 207 5.13 14.10 -23.92
C PRO A 207 5.87 12.83 -24.32
N LEU A 208 5.17 11.70 -24.23
CA LEU A 208 5.74 10.39 -24.48
C LEU A 208 5.10 9.71 -25.68
N LYS A 209 5.93 9.06 -26.49
CA LYS A 209 5.47 8.23 -27.60
C LYS A 209 5.18 6.79 -27.19
N THR A 210 5.77 6.35 -26.08
CA THR A 210 5.60 5.00 -25.56
C THR A 210 5.74 5.09 -24.05
N GLU A 211 5.60 3.96 -23.37
CA GLU A 211 5.80 3.94 -21.92
C GLU A 211 7.21 4.43 -21.60
N PRO A 212 7.42 5.04 -20.43
CA PRO A 212 8.74 5.57 -20.11
C PRO A 212 9.74 4.45 -19.95
N PRO A 213 11.03 4.74 -20.11
CA PRO A 213 12.06 3.72 -19.83
C PRO A 213 11.95 3.27 -18.38
N ALA A 214 12.29 2.00 -18.14
CA ALA A 214 12.15 1.46 -16.79
C ALA A 214 13.12 2.12 -15.82
N ARG A 215 14.30 2.55 -16.28
CA ARG A 215 15.23 3.27 -15.44
C ARG A 215 15.53 4.62 -16.09
N LEU A 216 15.31 5.70 -15.34
CA LEU A 216 15.47 7.03 -15.91
C LEU A 216 16.94 7.43 -15.99
N GLN A 217 17.73 7.13 -14.96
CA GLN A 217 19.16 7.38 -15.04
C GLN A 217 19.86 6.41 -15.99
N ILE A 218 19.18 5.36 -16.43
CA ILE A 218 19.69 4.43 -17.45
C ILE A 218 21.01 3.80 -17.01
N GLN B 2 -13.24 -23.05 17.04
CA GLN B 2 -12.71 -23.61 15.80
C GLN B 2 -11.67 -24.67 16.12
N GLU B 3 -11.55 -25.68 15.26
CA GLU B 3 -10.52 -26.69 15.45
C GLU B 3 -9.13 -26.07 15.40
N TYR B 4 -8.24 -26.54 16.26
CA TYR B 4 -6.86 -26.08 16.27
C TYR B 4 -6.10 -26.74 15.12
N LEU B 5 -5.29 -25.93 14.42
CA LEU B 5 -4.51 -26.44 13.28
C LEU B 5 -3.61 -27.61 13.68
N ASN B 6 -3.03 -27.59 14.89
CA ASN B 6 -2.36 -28.75 15.46
C ASN B 6 -1.18 -29.22 14.60
N ASN B 7 -0.49 -28.29 13.92
CA ASN B 7 0.68 -28.56 13.08
C ASN B 7 0.35 -29.37 11.83
N ASN B 8 -0.94 -29.56 11.52
CA ASN B 8 -1.31 -30.28 10.30
C ASN B 8 -0.93 -29.53 9.05
N GLN B 9 -0.69 -28.22 9.15
CA GLN B 9 -0.29 -27.44 8.00
C GLN B 9 1.17 -27.66 7.59
N LEU B 10 1.96 -28.38 8.39
CA LEU B 10 3.38 -28.51 8.09
C LEU B 10 3.67 -29.54 7.00
N ASP B 11 2.66 -30.29 6.57
CA ASP B 11 2.80 -31.30 5.52
C ASP B 11 1.74 -31.00 4.48
N CYS B 12 2.15 -30.61 3.27
CA CYS B 12 1.18 -30.21 2.25
C CYS B 12 0.28 -31.37 1.83
N ASP B 13 0.67 -32.61 2.11
CA ASP B 13 -0.12 -33.78 1.78
C ASP B 13 -1.12 -34.13 2.87
N ASN B 14 -1.04 -33.48 4.03
CA ASN B 14 -2.00 -33.66 5.10
C ASN B 14 -3.36 -33.10 4.69
N THR B 15 -4.43 -33.83 5.01
CA THR B 15 -5.77 -33.48 4.55
C THR B 15 -6.74 -33.22 5.69
N HIS B 16 -6.23 -32.90 6.88
CA HIS B 16 -7.12 -32.57 7.99
C HIS B 16 -7.98 -31.36 7.65
N ASN B 17 -9.26 -31.44 8.04
CA ASN B 17 -10.23 -30.41 7.67
C ASN B 17 -9.79 -29.01 8.07
N SER B 18 -9.13 -28.89 9.23
CA SER B 18 -8.74 -27.57 9.72
C SER B 18 -7.82 -26.83 8.74
N THR B 19 -7.05 -27.57 7.94
CA THR B 19 -6.07 -26.94 7.06
C THR B 19 -6.72 -26.18 5.91
N TYR B 20 -7.98 -26.46 5.61
CA TYR B 20 -8.66 -25.74 4.53
C TYR B 20 -9.30 -24.45 5.00
N GLY B 21 -9.25 -24.17 6.31
CA GLY B 21 -9.73 -22.92 6.84
C GLY B 21 -10.65 -23.09 8.04
N ASN B 22 -10.75 -22.04 8.85
CA ASN B 22 -11.82 -21.97 9.83
C ASN B 22 -13.18 -22.19 9.15
N VAL B 23 -14.09 -22.82 9.88
CA VAL B 23 -15.40 -23.17 9.34
C VAL B 23 -16.36 -22.00 9.54
N CYS B 24 -17.15 -21.71 8.51
CA CYS B 24 -18.21 -20.71 8.60
C CYS B 24 -19.29 -21.23 9.55
N ASN B 25 -19.25 -20.78 10.81
CA ASN B 25 -20.21 -21.30 11.79
C ASN B 25 -20.91 -20.18 12.56
N SER B 26 -20.90 -18.96 12.03
CA SER B 26 -21.61 -17.84 12.64
C SER B 26 -22.04 -16.86 11.55
N VAL B 27 -22.03 -15.56 11.87
CA VAL B 27 -22.46 -14.53 10.94
C VAL B 27 -21.60 -14.55 9.67
N THR B 28 -22.18 -14.09 8.56
CA THR B 28 -21.47 -14.25 7.28
CA THR B 28 -21.49 -14.22 7.28
C THR B 28 -20.28 -13.31 7.14
N SER B 29 -20.23 -12.22 7.91
CA SER B 29 -19.12 -11.27 7.81
C SER B 29 -18.97 -10.52 9.12
N CYS B 30 -17.73 -10.14 9.45
CA CYS B 30 -17.48 -9.43 10.70
C CYS B 30 -16.12 -8.75 10.65
N GLN B 31 -15.90 -7.85 11.60
CA GLN B 31 -14.58 -7.31 11.86
CA GLN B 31 -14.57 -7.32 11.85
C GLN B 31 -13.74 -8.34 12.59
N SER B 32 -12.47 -8.44 12.22
N SER B 32 -12.47 -8.46 12.21
CA SER B 32 -11.56 -9.38 12.85
CA SER B 32 -11.55 -9.39 12.87
C SER B 32 -10.16 -8.78 12.85
C SER B 32 -10.16 -8.79 12.85
N TYR B 33 -9.19 -9.54 13.37
CA TYR B 33 -7.80 -9.11 13.43
C TYR B 33 -6.85 -10.24 13.10
N LEU B 34 -5.81 -9.92 12.35
CA LEU B 34 -4.64 -10.79 12.22
C LEU B 34 -3.50 -10.21 13.07
N THR B 35 -2.46 -11.01 13.22
CA THR B 35 -1.19 -10.52 13.74
C THR B 35 -0.09 -10.88 12.75
N PHE B 36 1.01 -10.15 12.81
CA PHE B 36 2.07 -10.28 11.82
C PHE B 36 3.35 -9.73 12.43
N LYS B 37 4.47 -10.42 12.24
CA LYS B 37 5.75 -9.95 12.76
C LYS B 37 6.45 -9.14 11.68
N SER B 38 6.75 -7.89 11.99
CA SER B 38 7.47 -7.03 11.05
C SER B 38 8.71 -7.74 10.53
N SER B 39 8.90 -7.67 9.22
CA SER B 39 10.00 -8.36 8.55
C SER B 39 10.72 -7.36 7.65
N SER B 40 12.02 -7.18 7.87
CA SER B 40 12.78 -6.20 7.09
CA SER B 40 12.76 -6.21 7.08
C SER B 40 13.51 -6.88 5.94
N PRO B 41 13.60 -6.24 4.77
CA PRO B 41 13.11 -4.89 4.43
C PRO B 41 11.77 -4.84 3.70
N GLU B 42 11.17 -6.00 3.40
N GLU B 42 11.14 -5.99 3.41
CA GLU B 42 10.00 -6.04 2.53
CA GLU B 42 10.00 -5.98 2.50
C GLU B 42 8.71 -5.65 3.24
C GLU B 42 8.66 -5.76 3.21
N TYR B 43 8.54 -6.08 4.49
CA TYR B 43 7.25 -6.00 5.18
C TYR B 43 7.38 -5.39 6.57
N ASN B 44 7.87 -4.15 6.62
CA ASN B 44 8.13 -3.49 7.91
C ASN B 44 7.54 -2.09 7.98
N THR B 45 6.54 -1.76 7.18
CA THR B 45 5.82 -0.51 7.30
C THR B 45 4.33 -0.80 7.23
N PRO B 46 3.49 0.14 7.68
CA PRO B 46 2.04 -0.09 7.50
C PRO B 46 1.63 -0.27 6.05
N SER B 47 2.27 0.42 5.10
CA SER B 47 1.93 0.26 3.68
CA SER B 47 1.87 0.24 3.71
C SER B 47 2.24 -1.14 3.20
N SER B 48 3.44 -1.64 3.50
CA SER B 48 3.83 -2.92 2.93
C SER B 48 3.14 -4.09 3.65
N ILE B 49 2.94 -3.98 4.96
CA ILE B 49 2.20 -5.04 5.66
C ILE B 49 0.75 -5.07 5.20
N SER B 50 0.13 -3.90 5.01
N SER B 50 0.15 -3.89 5.02
CA SER B 50 -1.25 -3.88 4.56
CA SER B 50 -1.22 -3.84 4.55
C SER B 50 -1.38 -4.32 3.10
C SER B 50 -1.33 -4.40 3.14
N TYR B 51 -0.32 -4.14 2.31
CA TYR B 51 -0.34 -4.65 0.95
C TYR B 51 -0.29 -6.17 0.93
N LEU B 52 0.52 -6.74 1.82
CA LEU B 52 0.62 -8.20 1.91
C LEU B 52 -0.68 -8.83 2.39
N LEU B 53 -1.29 -8.23 3.41
CA LEU B 53 -2.43 -8.83 4.10
C LEU B 53 -3.78 -8.27 3.67
N ASN B 54 -3.80 -7.32 2.73
CA ASN B 54 -5.02 -6.66 2.25
C ASN B 54 -5.80 -6.02 3.40
N SER B 55 -5.13 -5.09 4.10
CA SER B 55 -5.75 -4.23 5.08
C SER B 55 -5.74 -2.80 4.51
N THR B 56 -5.69 -1.78 5.37
CA THR B 56 -5.28 -0.46 4.91
C THR B 56 -4.18 0.06 5.83
N PRO B 57 -3.29 0.92 5.31
CA PRO B 57 -2.25 1.46 6.18
C PRO B 57 -2.82 2.24 7.36
N SER B 58 -3.94 2.94 7.16
N SER B 58 -3.93 2.95 7.16
CA SER B 58 -4.55 3.70 8.25
CA SER B 58 -4.54 3.70 8.26
C SER B 58 -5.11 2.78 9.33
C SER B 58 -5.09 2.76 9.33
N LEU B 59 -5.67 1.64 8.94
CA LEU B 59 -6.17 0.69 9.93
C LEU B 59 -5.02 0.07 10.73
N VAL B 60 -3.93 -0.28 10.05
CA VAL B 60 -2.76 -0.84 10.74
C VAL B 60 -2.17 0.21 11.67
N ALA B 61 -2.06 1.46 11.20
CA ALA B 61 -1.52 2.53 12.04
C ALA B 61 -2.37 2.73 13.29
N LYS B 62 -3.68 2.91 13.12
CA LYS B 62 -4.53 3.17 14.27
C LYS B 62 -4.52 2.00 15.25
N SER B 63 -4.50 0.78 14.73
CA SER B 63 -4.54 -0.41 15.57
C SER B 63 -3.29 -0.56 16.43
N ASN B 64 -2.17 0.02 15.98
CA ASN B 64 -0.91 -0.10 16.68
C ASN B 64 -0.40 1.22 17.25
N ASN B 65 -1.20 2.30 17.18
CA ASN B 65 -0.81 3.58 17.79
C ASN B 65 0.48 4.11 17.16
N ILE B 66 0.58 3.99 15.83
CA ILE B 66 1.70 4.52 15.07
C ILE B 66 1.15 5.32 13.89
N THR B 67 2.05 6.00 13.16
CA THR B 67 1.63 6.70 11.96
C THR B 67 1.61 5.73 10.78
N ASP B 68 0.93 6.12 9.71
CA ASP B 68 0.81 5.18 8.61
C ASP B 68 2.09 5.06 7.77
N VAL B 69 3.17 5.76 8.13
CA VAL B 69 4.45 5.61 7.43
C VAL B 69 5.59 5.24 8.38
N THR B 70 5.31 5.05 9.66
CA THR B 70 6.33 4.72 10.65
C THR B 70 6.96 3.37 10.35
N PRO B 71 8.28 3.27 10.18
CA PRO B 71 8.92 1.94 10.08
C PRO B 71 8.75 1.18 11.38
N ILE B 72 8.51 -0.13 11.27
CA ILE B 72 8.26 -1.00 12.43
C ILE B 72 9.48 -1.87 12.65
N ILE B 73 10.04 -1.82 13.88
CA ILE B 73 11.23 -2.59 14.20
C ILE B 73 11.02 -4.06 13.90
N THR B 74 12.03 -4.68 13.29
CA THR B 74 11.92 -6.08 12.89
C THR B 74 11.55 -6.95 14.08
N ASP B 75 10.65 -7.91 13.84
CA ASP B 75 10.12 -8.92 14.75
C ASP B 75 9.08 -8.35 15.71
N THR B 76 8.71 -7.08 15.58
CA THR B 76 7.61 -6.56 16.36
C THR B 76 6.32 -7.15 15.84
N MET B 77 5.51 -7.70 16.74
CA MET B 77 4.21 -8.25 16.36
C MET B 77 3.18 -7.12 16.33
N VAL B 78 2.53 -6.93 15.19
CA VAL B 78 1.54 -5.86 15.05
C VAL B 78 0.18 -6.47 14.75
N THR B 79 -0.87 -5.75 15.15
CA THR B 79 -2.23 -6.17 14.84
CA THR B 79 -2.24 -6.14 14.86
C THR B 79 -2.66 -5.56 13.52
N VAL B 80 -3.47 -6.32 12.79
CA VAL B 80 -3.88 -5.97 11.44
C VAL B 80 -5.39 -6.13 11.33
N PRO B 81 -6.17 -5.05 11.38
CA PRO B 81 -7.63 -5.19 11.23
C PRO B 81 -7.99 -5.67 9.84
N VAL B 82 -8.87 -6.68 9.77
CA VAL B 82 -9.35 -7.20 8.50
C VAL B 82 -10.82 -7.58 8.61
N THR B 83 -11.51 -7.57 7.48
CA THR B 83 -12.85 -8.11 7.41
C THR B 83 -12.77 -9.61 7.18
N CYS B 84 -13.51 -10.37 7.98
CA CYS B 84 -13.59 -11.82 7.87
C CYS B 84 -14.95 -12.16 7.31
N SER B 85 -15.00 -13.00 6.28
CA SER B 85 -16.27 -13.33 5.64
C SER B 85 -16.28 -14.81 5.23
N CYS B 86 -17.49 -15.34 5.08
CA CYS B 86 -17.66 -16.72 4.67
C CYS B 86 -17.56 -16.85 3.16
N SER B 87 -16.80 -17.86 2.71
CA SER B 87 -16.74 -18.22 1.30
C SER B 87 -16.49 -19.72 1.24
N GLY B 88 -17.26 -20.44 0.42
CA GLY B 88 -17.04 -21.86 0.26
C GLY B 88 -17.14 -22.65 1.55
N GLY B 89 -17.93 -22.16 2.50
CA GLY B 89 -18.10 -22.81 3.79
C GLY B 89 -16.99 -22.53 4.78
N ARG B 90 -16.07 -21.63 4.48
CA ARG B 90 -14.97 -21.28 5.37
C ARG B 90 -15.02 -19.79 5.73
N TYR B 91 -14.55 -19.45 6.91
CA TYR B 91 -14.16 -18.07 7.19
C TYR B 91 -12.77 -17.83 6.63
N GLN B 92 -12.60 -16.69 5.95
CA GLN B 92 -11.27 -16.29 5.52
C GLN B 92 -11.28 -14.80 5.19
N HIS B 93 -10.10 -14.24 5.10
CA HIS B 93 -9.91 -12.87 4.62
C HIS B 93 -9.02 -12.98 3.39
N ASN B 94 -9.57 -12.62 2.23
CA ASN B 94 -8.84 -12.74 0.98
C ASN B 94 -7.75 -11.68 0.87
N ALA B 95 -6.58 -12.11 0.38
CA ALA B 95 -5.54 -11.22 -0.07
C ALA B 95 -5.04 -11.74 -1.40
N THR B 96 -4.23 -10.93 -2.08
N THR B 96 -4.23 -10.95 -2.09
CA THR B 96 -3.61 -11.30 -3.33
CA THR B 96 -3.65 -11.38 -3.36
C THR B 96 -2.10 -11.27 -3.15
C THR B 96 -2.13 -11.23 -3.27
N TYR B 97 -1.42 -12.27 -3.71
CA TYR B 97 0.04 -12.33 -3.62
C TYR B 97 0.61 -12.61 -5.00
N ASN B 98 1.46 -11.70 -5.50
CA ASN B 98 2.20 -11.90 -6.74
C ASN B 98 3.56 -12.49 -6.40
N LEU B 99 3.87 -13.67 -6.97
CA LEU B 99 5.15 -14.30 -6.66
C LEU B 99 6.30 -13.43 -7.12
N LYS B 100 7.28 -13.20 -6.24
CA LYS B 100 8.42 -12.36 -6.60
C LYS B 100 9.47 -13.14 -7.37
N LYS B 101 9.68 -14.40 -7.01
CA LYS B 101 10.77 -15.20 -7.54
C LYS B 101 10.26 -16.58 -7.92
N THR B 102 10.62 -17.05 -9.10
CA THR B 102 10.40 -18.44 -9.43
C THR B 102 11.27 -19.30 -8.51
N GLY B 103 10.63 -20.19 -7.76
CA GLY B 103 11.28 -20.88 -6.67
C GLY B 103 10.44 -20.81 -5.41
N GLU B 104 9.62 -19.78 -5.30
CA GLU B 104 8.63 -19.76 -4.23
C GLU B 104 7.62 -20.88 -4.48
N THR B 105 7.21 -21.54 -3.39
CA THR B 105 6.30 -22.66 -3.42
C THR B 105 5.05 -22.32 -2.59
N TYR B 106 4.01 -23.12 -2.77
CA TYR B 106 2.84 -22.94 -1.92
C TYR B 106 3.22 -22.99 -0.46
N PHE B 107 4.10 -23.93 -0.10
CA PHE B 107 4.48 -24.03 1.30
C PHE B 107 5.30 -22.83 1.75
N SER B 108 6.26 -22.37 0.94
CA SER B 108 7.06 -21.23 1.38
C SER B 108 6.21 -19.97 1.51
N ILE B 109 5.24 -19.79 0.59
N ILE B 109 5.18 -19.82 0.67
CA ILE B 109 4.28 -18.70 0.73
CA ILE B 109 4.32 -18.65 0.75
C ILE B 109 3.60 -18.78 2.09
C ILE B 109 3.44 -18.72 2.01
N ALA B 110 2.96 -19.91 2.35
CA ALA B 110 2.13 -20.06 3.54
C ALA B 110 2.96 -19.96 4.82
N ASN B 111 4.06 -20.71 4.88
CA ASN B 111 4.81 -20.90 6.13
C ASN B 111 5.75 -19.73 6.40
N ASN B 112 6.37 -19.19 5.36
CA ASN B 112 7.37 -18.15 5.55
C ASN B 112 6.81 -16.77 5.26
N THR B 113 6.43 -16.52 4.01
CA THR B 113 5.94 -15.19 3.62
C THR B 113 4.79 -14.72 4.50
N TYR B 114 3.78 -15.56 4.62
CA TYR B 114 2.58 -15.23 5.38
C TYR B 114 2.62 -15.72 6.81
N GLN B 115 3.75 -16.29 7.25
CA GLN B 115 3.98 -16.56 8.69
C GLN B 115 2.88 -17.44 9.29
N SER B 116 2.40 -18.42 8.51
CA SER B 116 1.35 -19.37 8.87
C SER B 116 -0.02 -18.73 9.05
N LEU B 117 -0.22 -17.52 8.51
CA LEU B 117 -1.56 -16.97 8.47
C LEU B 117 -2.42 -17.64 7.41
N THR B 118 -1.83 -18.43 6.51
CA THR B 118 -2.60 -19.32 5.67
C THR B 118 -1.88 -20.66 5.62
N THR B 119 -2.42 -21.60 4.85
CA THR B 119 -1.87 -22.94 4.79
C THR B 119 -1.61 -23.34 3.35
N CYS B 120 -0.66 -24.25 3.18
CA CYS B 120 -0.40 -24.81 1.88
C CYS B 120 -1.66 -25.43 1.28
N GLN B 121 -2.45 -26.12 2.12
CA GLN B 121 -3.64 -26.80 1.63
C GLN B 121 -4.69 -25.81 1.13
N ALA B 122 -4.87 -24.70 1.84
CA ALA B 122 -5.90 -23.74 1.41
C ALA B 122 -5.44 -22.99 0.16
N LEU B 123 -4.15 -22.64 0.09
CA LEU B 123 -3.61 -22.03 -1.13
C LEU B 123 -3.82 -22.94 -2.33
N MET B 124 -3.50 -24.23 -2.18
CA MET B 124 -3.66 -25.14 -3.33
C MET B 124 -5.12 -25.33 -3.69
N ALA B 125 -6.00 -25.41 -2.70
CA ALA B 125 -7.42 -25.60 -2.97
C ALA B 125 -8.01 -24.42 -3.74
N GLN B 126 -7.47 -23.21 -3.54
CA GLN B 126 -8.12 -22.00 -4.03
C GLN B 126 -7.36 -21.34 -5.18
N ASN B 127 -6.41 -22.07 -5.78
CA ASN B 127 -5.64 -21.54 -6.91
C ASN B 127 -5.50 -22.63 -7.96
N PRO B 128 -5.32 -22.25 -9.23
CA PRO B 128 -5.32 -23.27 -10.30
C PRO B 128 -3.98 -23.93 -10.53
N TYR B 129 -2.89 -23.29 -10.10
CA TYR B 129 -1.56 -23.75 -10.46
C TYR B 129 -1.20 -25.04 -9.73
N ASP B 130 -0.70 -26.02 -10.48
N ASP B 130 -0.71 -26.02 -10.47
CA ASP B 130 -0.07 -27.17 -9.86
CA ASP B 130 -0.12 -27.19 -9.84
C ASP B 130 1.11 -26.71 -9.01
C ASP B 130 1.14 -26.78 -9.08
N ALA B 131 1.46 -27.54 -8.03
CA ALA B 131 2.60 -27.20 -7.18
C ALA B 131 3.92 -27.14 -7.94
N LYS B 132 4.01 -27.85 -9.08
CA LYS B 132 5.18 -27.80 -9.93
C LYS B 132 5.09 -26.75 -11.04
N ASN B 133 4.15 -25.80 -10.96
CA ASN B 133 3.91 -24.87 -12.05
CA ASN B 133 3.92 -24.87 -12.04
C ASN B 133 3.70 -23.44 -11.53
N LEU B 134 4.45 -23.06 -10.48
CA LEU B 134 4.42 -21.70 -9.97
C LEU B 134 5.61 -20.91 -10.48
N PHE B 135 5.36 -19.70 -10.97
CA PHE B 135 6.40 -18.84 -11.55
C PHE B 135 6.25 -17.42 -11.02
N ALA B 136 7.38 -16.69 -10.97
CA ALA B 136 7.34 -15.25 -10.71
C ALA B 136 6.28 -14.60 -11.58
N GLY B 137 5.51 -13.70 -10.97
CA GLY B 137 4.47 -12.98 -11.69
C GLY B 137 3.10 -13.61 -11.62
N ASP B 138 2.99 -14.86 -11.17
CA ASP B 138 1.68 -15.46 -10.93
C ASP B 138 1.04 -14.82 -9.71
N ASP B 139 -0.27 -14.53 -9.82
CA ASP B 139 -1.05 -13.95 -8.73
C ASP B 139 -1.80 -15.07 -8.03
N LEU B 140 -1.60 -15.18 -6.72
CA LEU B 140 -2.27 -16.18 -5.90
C LEU B 140 -3.38 -15.55 -5.06
N HIS B 141 -4.50 -16.27 -5.00
CA HIS B 141 -5.56 -15.97 -4.05
CA HIS B 141 -5.56 -15.97 -4.04
C HIS B 141 -5.15 -16.50 -2.67
N VAL B 142 -5.05 -15.63 -1.68
CA VAL B 142 -4.52 -16.01 -0.37
C VAL B 142 -5.67 -16.01 0.63
N PRO B 143 -6.10 -17.17 1.13
CA PRO B 143 -7.17 -17.18 2.13
C PRO B 143 -6.62 -17.09 3.56
N LEU B 144 -6.57 -15.87 4.12
CA LEU B 144 -5.95 -15.69 5.42
C LEU B 144 -6.91 -16.17 6.52
N ARG B 145 -6.35 -16.74 7.57
CA ARG B 145 -7.16 -17.40 8.60
C ARG B 145 -7.72 -16.38 9.59
N CYS B 146 -9.04 -16.28 9.64
CA CYS B 146 -9.75 -15.45 10.60
C CYS B 146 -11.05 -16.19 10.92
N ALA B 147 -11.77 -15.69 11.92
CA ALA B 147 -13.10 -16.22 12.19
C ALA B 147 -13.91 -15.14 12.88
N CYS B 148 -15.23 -15.34 12.90
CA CYS B 148 -16.17 -14.48 13.59
C CYS B 148 -16.68 -15.17 14.84
N PRO B 149 -16.91 -14.43 15.94
CA PRO B 149 -17.43 -15.07 17.14
C PRO B 149 -18.71 -15.84 16.85
N THR B 150 -18.81 -17.05 17.39
CA THR B 150 -20.07 -17.78 17.38
C THR B 150 -21.09 -17.08 18.27
N LYS B 151 -22.36 -17.49 18.12
CA LYS B 151 -23.40 -16.97 19.01
C LYS B 151 -23.03 -17.18 20.46
N LYS B 152 -22.50 -18.36 20.80
CA LYS B 152 -22.09 -18.63 22.17
C LYS B 152 -21.02 -17.62 22.62
N GLN B 153 -20.01 -17.39 21.78
CA GLN B 153 -18.97 -16.43 22.11
C GLN B 153 -19.52 -15.01 22.18
N SER B 154 -20.39 -14.63 21.23
CA SER B 154 -21.05 -13.33 21.29
C SER B 154 -21.84 -13.18 22.59
N ASP B 155 -22.60 -14.21 22.96
CA ASP B 155 -23.42 -14.11 24.16
C ASP B 155 -22.55 -13.95 25.41
N ALA B 156 -21.32 -14.44 25.36
CA ALA B 156 -20.38 -14.30 26.46
C ALA B 156 -19.65 -12.95 26.48
N GLY B 157 -19.94 -12.08 25.52
CA GLY B 157 -19.33 -10.76 25.50
C GLY B 157 -18.14 -10.59 24.58
N PHE B 158 -17.84 -11.57 23.73
CA PHE B 158 -16.70 -11.46 22.83
C PHE B 158 -17.15 -10.78 21.55
N LYS B 159 -16.51 -9.66 21.23
CA LYS B 159 -16.84 -8.85 20.06
C LYS B 159 -16.06 -9.25 18.83
N TYR B 160 -14.85 -9.79 19.02
CA TYR B 160 -13.97 -10.17 17.92
C TYR B 160 -13.25 -11.46 18.23
N LEU B 161 -12.71 -12.07 17.18
CA LEU B 161 -11.69 -13.10 17.31
C LEU B 161 -10.44 -12.57 16.63
N LEU B 162 -9.30 -12.80 17.26
CA LEU B 162 -8.02 -12.38 16.71
C LEU B 162 -7.15 -13.60 16.42
N THR B 163 -6.52 -13.60 15.25
CA THR B 163 -5.62 -14.69 14.86
C THR B 163 -4.23 -14.35 15.38
N TYR B 164 -3.77 -15.09 16.39
CA TYR B 164 -2.56 -14.75 17.13
C TYR B 164 -1.45 -15.71 16.76
N LEU B 165 -0.32 -15.17 16.30
CA LEU B 165 0.84 -16.00 15.96
C LEU B 165 1.67 -16.22 17.22
N VAL B 166 1.67 -17.47 17.71
CA VAL B 166 2.30 -17.80 18.98
C VAL B 166 3.82 -17.80 18.84
N SER B 167 4.52 -17.19 19.80
CA SER B 167 5.97 -17.21 19.88
C SER B 167 6.45 -18.14 20.97
N GLN B 168 7.68 -18.61 20.81
CA GLN B 168 8.32 -19.43 21.83
C GLN B 168 8.33 -18.72 23.17
N GLY B 169 7.94 -19.44 24.21
CA GLY B 169 7.85 -18.87 25.54
C GLY B 169 6.46 -18.43 25.94
N GLU B 170 5.53 -18.36 25.00
CA GLU B 170 4.15 -18.02 25.32
C GLU B 170 3.33 -19.27 25.62
N SER B 171 2.20 -19.04 26.28
CA SER B 171 1.26 -20.09 26.64
C SER B 171 -0.13 -19.51 26.52
N PRO B 172 -1.17 -20.34 26.50
CA PRO B 172 -2.53 -19.81 26.57
C PRO B 172 -2.75 -18.87 27.76
N ASP B 173 -2.10 -19.14 28.90
CA ASP B 173 -2.23 -18.26 30.06
C ASP B 173 -1.64 -16.90 29.78
N SER B 174 -0.42 -16.85 29.24
CA SER B 174 0.24 -15.57 29.03
C SER B 174 -0.43 -14.78 27.91
N ILE B 175 -0.97 -15.47 26.91
CA ILE B 175 -1.64 -14.81 25.81
C ILE B 175 -2.97 -14.21 26.27
N ALA B 176 -3.75 -14.99 27.03
CA ALA B 176 -4.98 -14.48 27.62
C ALA B 176 -4.72 -13.22 28.43
N GLU B 177 -3.62 -13.20 29.19
CA GLU B 177 -3.30 -12.05 30.02
C GLU B 177 -3.10 -10.79 29.17
N ILE B 178 -2.52 -10.92 27.97
CA ILE B 178 -2.29 -9.76 27.11
C ILE B 178 -3.60 -9.05 26.80
N PHE B 179 -4.67 -9.81 26.54
CA PHE B 179 -5.93 -9.26 26.06
C PHE B 179 -6.98 -9.16 27.15
N GLY B 180 -6.64 -9.46 28.40
CA GLY B 180 -7.57 -9.29 29.48
C GLY B 180 -8.75 -10.24 29.45
N VAL B 181 -8.54 -11.47 28.98
CA VAL B 181 -9.58 -12.48 28.90
C VAL B 181 -9.13 -13.69 29.70
N ASP B 182 -10.08 -14.60 29.98
CA ASP B 182 -9.79 -15.81 30.75
C ASP B 182 -9.01 -16.81 29.90
N THR B 183 -8.09 -17.54 30.54
CA THR B 183 -7.38 -18.57 29.82
C THR B 183 -8.33 -19.59 29.22
N GLN B 184 -9.36 -19.98 29.98
CA GLN B 184 -10.29 -20.98 29.47
C GLN B 184 -10.98 -20.53 28.20
N SER B 185 -11.21 -19.22 28.03
CA SER B 185 -11.83 -18.73 26.80
CA SER B 185 -11.82 -18.73 26.81
C SER B 185 -10.91 -18.93 25.60
N VAL B 186 -9.59 -18.82 25.80
CA VAL B 186 -8.64 -19.08 24.73
C VAL B 186 -8.62 -20.56 24.38
N LEU B 187 -8.56 -21.43 25.38
CA LEU B 187 -8.63 -22.87 25.13
C LEU B 187 -9.92 -23.24 24.41
N ASP B 188 -11.06 -22.72 24.89
CA ASP B 188 -12.34 -23.08 24.28
C ASP B 188 -12.43 -22.59 22.83
N ALA B 189 -11.82 -21.44 22.54
CA ALA B 189 -11.89 -20.86 21.20
C ALA B 189 -11.19 -21.72 20.16
N ASN B 190 -10.31 -22.62 20.60
CA ASN B 190 -9.52 -23.46 19.72
C ASN B 190 -9.81 -24.94 19.95
N GLU B 191 -10.87 -25.25 20.69
CA GLU B 191 -11.24 -26.62 21.02
C GLU B 191 -10.06 -27.37 21.62
N LEU B 192 -9.36 -26.71 22.55
CA LEU B 192 -8.23 -27.28 23.26
C LEU B 192 -8.59 -27.46 24.73
N ASP B 193 -7.81 -28.28 25.43
CA ASP B 193 -7.89 -28.26 26.89
C ASP B 193 -6.48 -28.03 27.44
N SER B 194 -6.38 -27.98 28.76
CA SER B 194 -5.12 -27.61 29.39
C SER B 194 -4.02 -28.64 29.14
N LYS B 195 -4.35 -29.83 28.66
CA LYS B 195 -3.35 -30.84 28.34
C LYS B 195 -2.87 -30.75 26.89
N SER B 196 -3.56 -30.02 26.01
CA SER B 196 -3.15 -29.90 24.62
C SER B 196 -1.80 -29.21 24.51
N VAL B 197 -0.99 -29.65 23.56
CA VAL B 197 0.24 -28.93 23.24
C VAL B 197 -0.09 -27.78 22.31
N VAL B 198 0.36 -26.58 22.66
CA VAL B 198 0.20 -25.40 21.82
C VAL B 198 1.52 -25.11 21.13
N PHE B 199 1.52 -25.16 19.80
CA PHE B 199 2.74 -25.05 19.03
C PHE B 199 3.12 -23.59 18.76
N TYR B 200 4.41 -23.37 18.56
CA TYR B 200 4.88 -22.05 18.18
C TYR B 200 4.69 -21.83 16.69
N PHE B 201 4.55 -20.55 16.31
CA PHE B 201 4.39 -20.07 14.94
C PHE B 201 3.06 -20.46 14.31
N THR B 202 2.29 -21.30 14.98
CA THR B 202 0.99 -21.75 14.53
C THR B 202 -0.10 -20.79 15.03
N PRO B 203 -1.06 -20.40 14.19
CA PRO B 203 -2.06 -19.42 14.64
C PRO B 203 -3.00 -20.00 15.68
N LEU B 204 -3.30 -19.17 16.69
CA LEU B 204 -4.21 -19.49 17.77
C LEU B 204 -5.27 -18.40 17.80
N LEU B 205 -6.54 -18.78 17.89
CA LEU B 205 -7.59 -17.77 18.01
C LEU B 205 -7.70 -17.27 19.44
N VAL B 206 -7.83 -15.95 19.59
CA VAL B 206 -8.01 -15.32 20.88
C VAL B 206 -9.32 -14.55 20.82
N PRO B 207 -10.30 -14.85 21.68
CA PRO B 207 -11.54 -14.06 21.70
C PRO B 207 -11.31 -12.76 22.47
N LEU B 208 -11.87 -11.69 21.93
CA LEU B 208 -11.66 -10.34 22.47
C LEU B 208 -12.99 -9.73 22.89
N LYS B 209 -12.98 -9.06 24.04
CA LYS B 209 -14.14 -8.30 24.47
C LYS B 209 -14.11 -6.86 23.99
N THR B 210 -12.95 -6.39 23.52
CA THR B 210 -12.81 -5.03 23.01
C THR B 210 -11.68 -5.04 21.99
N GLU B 211 -11.38 -3.88 21.42
CA GLU B 211 -10.29 -3.83 20.45
C GLU B 211 -8.98 -4.23 21.11
N PRO B 212 -8.05 -4.82 20.37
CA PRO B 212 -6.80 -5.28 21.00
C PRO B 212 -5.99 -4.09 21.50
N PRO B 213 -5.10 -4.32 22.48
CA PRO B 213 -4.20 -3.25 22.91
C PRO B 213 -3.30 -2.81 21.77
N ALA B 214 -2.89 -1.54 21.82
CA ALA B 214 -2.06 -0.96 20.75
C ALA B 214 -0.68 -1.61 20.67
N ARG B 215 -0.11 -2.04 21.80
CA ARG B 215 1.17 -2.74 21.80
C ARG B 215 1.00 -4.09 22.47
N LEU B 216 1.37 -5.16 21.77
CA LEU B 216 1.14 -6.50 22.28
C LEU B 216 2.20 -6.96 23.27
N GLN B 217 3.40 -6.39 23.22
CA GLN B 217 4.45 -6.74 24.17
C GLN B 217 4.46 -5.85 25.41
N ILE B 218 3.54 -4.89 25.51
CA ILE B 218 3.52 -3.97 26.64
C ILE B 218 2.10 -3.80 27.17
#